data_3ZD4
#
_entry.id   3ZD4
#
_cell.length_a   50.140
_cell.length_b   68.450
_cell.length_c   60.220
_cell.angle_alpha   90.00
_cell.angle_beta   112.56
_cell.angle_gamma   90.00
#
_symmetry.space_group_name_H-M   'C 1 2 1'
#
loop_
_entity.id
_entity.type
_entity.pdbx_description
1 polymer 'HAMMERHEAD RIBOZYME, ENZYME STRAND'
2 polymer 'HAMMERHEAD RIBOZYME, SUBSTRATE STRAND'
3 water water
#
loop_
_entity_poly.entity_id
_entity_poly.type
_entity_poly.pdbx_seq_one_letter_code
_entity_poly.pdbx_strand_id
1 'polyribonucleotide' (GDP)GAUGUACUACCAGCUGAUGAGUCCCAAAUAGGACAAAACGCC A
2 'polyribonucleotide' GGCGU(OMC)CUGGUAUCCAAUC(DC) B
#
loop_
_chem_comp.id
_chem_comp.type
_chem_comp.name
_chem_comp.formula
A RNA linking ADENOSINE-5'-MONOPHOSPHATE 'C10 H14 N5 O7 P'
C RNA linking CYTIDINE-5'-MONOPHOSPHATE 'C9 H14 N3 O8 P'
DC DNA linking 2'-DEOXYCYTIDINE-5'-MONOPHOSPHATE 'C9 H14 N3 O7 P'
G RNA linking GUANOSINE-5'-MONOPHOSPHATE 'C10 H14 N5 O8 P'
GDP RNA linking GUANOSINE-5'-DIPHOSPHATE 'C10 H15 N5 O11 P2'
OMC RNA linking O2'-METHYLYCYTIDINE-5'-MONOPHOSPHATE 'C10 H16 N3 O8 P'
U RNA linking URIDINE-5'-MONOPHOSPHATE 'C9 H13 N2 O9 P'
#
# COMPACT_ATOMS: atom_id res chain seq x y z
PB GDP A 1 -1.11 -7.34 -16.69
O1B GDP A 1 -1.05 -8.20 -15.45
O2B GDP A 1 -2.20 -7.82 -17.61
O3B GDP A 1 0.19 -7.48 -17.47
O3A GDP A 1 -1.37 -5.81 -16.33
PA GDP A 1 -1.30 -5.13 -14.86
O1A GDP A 1 -2.51 -5.46 -14.02
O2A GDP A 1 0.01 -5.44 -14.17
O5' GDP A 1 -1.43 -3.57 -15.24
C5' GDP A 1 -0.27 -2.78 -15.48
C4' GDP A 1 -0.76 -1.46 -16.08
O4' GDP A 1 -1.37 -1.69 -17.35
C3' GDP A 1 -1.85 -0.81 -15.23
O3' GDP A 1 -1.32 0.00 -14.17
C2' GDP A 1 -2.63 -0.01 -16.24
O2' GDP A 1 -2.00 1.23 -16.54
C1' GDP A 1 -2.54 -0.86 -17.49
N9 GDP A 1 -3.75 -1.67 -17.42
C8 GDP A 1 -3.84 -2.98 -17.15
N7 GDP A 1 -5.12 -3.38 -17.15
C5 GDP A 1 -5.87 -2.31 -17.41
C6 GDP A 1 -7.31 -2.03 -17.54
O6 GDP A 1 -8.12 -2.96 -17.40
N1 GDP A 1 -7.69 -0.77 -17.82
C2 GDP A 1 -6.80 0.23 -17.96
N2 GDP A 1 -7.23 1.48 -18.24
N3 GDP A 1 -5.46 0.05 -17.84
C4 GDP A 1 -4.97 -1.18 -17.57
N1 OMC B 6 3.38 3.77 23.14
C2 OMC B 6 2.47 3.76 24.20
N3 OMC B 6 2.16 4.93 24.80
C4 OMC B 6 2.72 6.09 24.38
C5 OMC B 6 3.59 6.10 23.31
C6 OMC B 6 3.90 4.90 22.68
O2 OMC B 6 1.96 2.68 24.58
N4 OMC B 6 2.40 7.26 24.97
C1' OMC B 6 3.68 2.54 22.39
C2' OMC B 6 3.61 2.76 20.89
O2' OMC B 6 2.27 2.83 20.44
CM2 OMC B 6 2.12 3.60 19.24
C3' OMC B 6 4.42 1.58 20.40
C4' OMC B 6 5.56 1.53 21.43
O4' OMC B 6 5.00 2.13 22.64
O3' OMC B 6 3.65 0.41 20.51
C5' OMC B 6 6.80 2.28 21.06
O5' OMC B 6 6.56 3.68 21.00
P OMC B 6 7.74 4.74 20.96
OP1 OMC B 6 8.59 4.46 19.76
OP2 OMC B 6 7.09 6.10 21.14
#